data_8X7R
#
_entry.id   8X7R
#
loop_
_entity.id
_entity.type
_entity.pdbx_description
1 polymer Alpha-synuclein
2 non-polymer 2-[(~{E})-4-[6-(methylamino)pyridin-3-yl]but-1-en-3-ynyl]-1,3-benzothiazol-6-ol
#
_entity_poly.entity_id   1
_entity_poly.type   'polypeptide(L)'
_entity_poly.pdbx_seq_one_letter_code
;MDVFMKGLSKAKEGVVAAAEKTKQGVAEAAGKTKEGVLYVGSKTKKGVVHGVATVAEKTKEQVTNVGGAVVTGVTAVAQK
TVEGAGSIAAATGFVKKDQLGKNEEGAPQEGILEDMPVDPDNEAYEMPSEEGYQDYEPEA
;
_entity_poly.pdbx_strand_id   F,G,C,D,E,A,B,H,I,J
#
# COMPACT_ATOMS: atom_id res chain seq x y z
N LYS A 45 37.13 19.59 -14.44
CA LYS A 45 37.24 18.15 -14.58
C LYS A 45 36.90 17.73 -16.00
N LYS A 46 37.21 16.48 -16.33
CA LYS A 46 37.01 15.96 -17.67
C LYS A 46 36.50 14.53 -17.58
N GLY A 47 35.55 14.19 -18.43
CA GLY A 47 35.03 12.84 -18.48
C GLY A 47 34.53 12.45 -19.85
N VAL A 48 34.90 11.26 -20.31
CA VAL A 48 34.41 10.72 -21.57
C VAL A 48 33.92 9.30 -21.31
N VAL A 49 32.67 9.01 -21.66
CA VAL A 49 32.12 7.70 -21.39
C VAL A 49 31.62 7.11 -22.70
N HIS A 50 31.54 5.78 -22.76
CA HIS A 50 30.79 5.11 -23.81
C HIS A 50 29.40 4.74 -23.36
N GLY A 51 29.16 4.68 -22.07
CA GLY A 51 27.85 4.26 -21.65
C GLY A 51 27.76 2.75 -21.50
N VAL A 52 27.12 2.32 -20.42
CA VAL A 52 26.36 3.20 -19.57
C VAL A 52 27.15 3.59 -18.30
N ALA A 53 27.39 4.86 -18.10
CA ALA A 53 28.06 5.29 -16.89
C ALA A 53 27.06 5.82 -15.88
N THR A 54 27.57 6.14 -14.68
CA THR A 54 26.83 6.91 -13.68
C THR A 54 27.87 7.55 -12.78
N VAL A 55 28.16 8.82 -13.01
CA VAL A 55 29.29 9.48 -12.38
C VAL A 55 28.75 10.58 -11.49
N ALA A 56 29.32 10.74 -10.30
CA ALA A 56 28.69 11.58 -9.30
C ALA A 56 29.67 11.98 -8.22
N GLU A 57 29.16 12.76 -7.28
CA GLU A 57 29.82 13.05 -6.01
C GLU A 57 28.75 13.29 -4.96
N LYS A 58 29.05 12.92 -3.71
CA LYS A 58 28.21 13.19 -2.53
C LYS A 58 26.83 12.55 -2.66
N THR A 59 26.82 11.30 -3.12
CA THR A 59 25.61 10.72 -3.68
C THR A 59 25.06 9.58 -2.85
N LYS A 60 23.82 9.67 -2.41
CA LYS A 60 23.37 8.67 -1.45
C LYS A 60 23.10 7.31 -2.10
N GLU A 61 22.48 7.26 -3.26
CA GLU A 61 22.23 5.96 -3.88
C GLU A 61 22.60 5.98 -5.35
N GLN A 62 23.01 4.84 -5.87
CA GLN A 62 23.42 4.68 -7.27
C GLN A 62 23.05 3.30 -7.75
N VAL A 63 22.51 3.23 -8.96
CA VAL A 63 22.20 1.97 -9.62
C VAL A 63 22.62 2.12 -11.07
N THR A 64 23.33 1.15 -11.60
CA THR A 64 23.63 1.07 -13.01
C THR A 64 23.18 -0.29 -13.49
N ASN A 65 22.40 -0.33 -14.57
CA ASN A 65 21.89 -1.60 -15.00
C ASN A 65 22.00 -1.68 -16.51
N VAL A 66 22.32 -2.86 -17.00
CA VAL A 66 22.13 -3.29 -18.37
C VAL A 66 21.64 -4.70 -18.25
N GLY A 67 20.40 -5.01 -18.59
CA GLY A 67 19.97 -6.38 -18.43
C GLY A 67 18.49 -6.61 -18.54
N GLY A 68 17.91 -7.33 -17.57
CA GLY A 68 18.42 -7.45 -16.21
C GLY A 68 17.60 -6.72 -15.18
N ALA A 69 17.82 -7.03 -13.91
CA ALA A 69 17.00 -6.48 -12.84
C ALA A 69 17.86 -6.07 -11.67
N VAL A 70 17.45 -4.99 -11.02
CA VAL A 70 18.08 -4.50 -9.79
C VAL A 70 16.96 -4.06 -8.86
N VAL A 71 16.94 -4.62 -7.65
CA VAL A 71 15.96 -4.25 -6.64
C VAL A 71 16.71 -3.76 -5.43
N THR A 72 16.54 -2.49 -5.10
CA THR A 72 17.25 -1.88 -4.00
C THR A 72 16.29 -1.22 -3.03
N GLY A 73 15.01 -1.17 -3.35
CA GLY A 73 14.06 -0.41 -2.57
C GLY A 73 13.15 -1.27 -1.74
N VAL A 74 12.56 -0.60 -0.74
CA VAL A 74 11.65 -1.24 0.18
C VAL A 74 10.40 -1.67 -0.56
N THR A 75 9.94 -2.88 -0.30
CA THR A 75 8.84 -3.44 -1.07
C THR A 75 8.06 -4.41 -0.21
N ALA A 76 6.76 -4.23 -0.12
CA ALA A 76 5.93 -5.11 0.67
C ALA A 76 4.77 -5.57 -0.18
N VAL A 77 4.63 -6.86 -0.35
CA VAL A 77 3.50 -7.40 -1.07
C VAL A 77 2.76 -8.33 -0.14
N ALA A 78 1.49 -8.07 0.07
CA ALA A 78 0.64 -8.96 0.83
C ALA A 78 -0.47 -9.40 -0.08
N GLN A 79 -0.75 -10.68 -0.11
CA GLN A 79 -1.60 -11.19 -1.16
C GLN A 79 -2.32 -12.43 -0.66
N LYS A 80 -3.54 -12.64 -1.13
CA LYS A 80 -4.39 -13.67 -0.56
C LYS A 80 -4.78 -14.76 -1.53
N THR A 81 -4.95 -14.46 -2.81
CA THR A 81 -5.33 -15.49 -3.76
C THR A 81 -4.99 -15.03 -5.16
N VAL A 82 -4.27 -15.84 -5.92
CA VAL A 82 -3.94 -15.55 -7.31
C VAL A 82 -4.43 -16.71 -8.15
N GLU A 83 -5.21 -16.40 -9.18
CA GLU A 83 -5.75 -17.41 -10.07
C GLU A 83 -5.57 -16.92 -11.50
N GLY A 84 -6.13 -17.67 -12.44
CA GLY A 84 -6.13 -17.23 -13.83
C GLY A 84 -4.87 -17.63 -14.57
N ALA A 85 -4.98 -17.70 -15.88
CA ALA A 85 -3.90 -18.27 -16.70
C ALA A 85 -3.73 -17.43 -17.97
N GLY A 86 -2.83 -16.45 -17.93
CA GLY A 86 -1.98 -16.17 -16.78
C GLY A 86 -1.85 -14.69 -16.54
N SER A 87 -2.11 -14.28 -15.31
CA SER A 87 -2.28 -12.88 -14.96
C SER A 87 -1.11 -12.39 -14.12
N ILE A 88 -0.49 -11.30 -14.55
CA ILE A 88 0.57 -10.70 -13.77
C ILE A 88 -0.16 -10.03 -12.62
N ALA A 89 -0.06 -10.61 -11.43
CA ALA A 89 -0.77 -10.12 -10.26
C ALA A 89 -0.23 -8.79 -9.76
N ALA A 90 0.96 -8.79 -9.18
CA ALA A 90 1.55 -7.57 -8.66
C ALA A 90 2.96 -7.40 -9.18
N ALA A 91 3.13 -6.57 -10.20
CA ALA A 91 4.43 -6.35 -10.80
C ALA A 91 4.94 -4.94 -10.48
N THR A 92 6.15 -4.83 -9.97
CA THR A 92 6.66 -3.50 -9.69
C THR A 92 7.54 -2.98 -10.82
N GLY A 93 8.64 -3.66 -11.11
CA GLY A 93 9.46 -3.29 -12.24
C GLY A 93 9.53 -4.48 -13.15
N PHE A 94 9.10 -4.34 -14.39
CA PHE A 94 8.75 -5.51 -15.14
C PHE A 94 9.05 -5.22 -16.60
N VAL A 95 9.48 -6.25 -17.32
CA VAL A 95 9.82 -6.15 -18.73
C VAL A 95 9.60 -7.52 -19.36
N LYS A 96 8.72 -7.58 -20.35
CA LYS A 96 8.44 -8.85 -21.03
C LYS A 96 8.59 -8.70 -22.53
N LYS A 97 9.63 -9.31 -23.08
CA LYS A 97 9.89 -9.23 -24.51
C LYS A 97 9.95 -10.61 -25.16
N ASP A 98 8.92 -11.42 -24.94
CA ASP A 98 8.86 -12.75 -25.51
C ASP A 98 8.86 -12.69 -27.04
N GLN A 99 9.52 -13.66 -27.67
CA GLN A 99 9.60 -13.71 -29.12
C GLN A 99 8.97 -14.98 -29.66
N LYS B 45 34.44 22.65 -17.18
CA LYS B 45 34.52 21.21 -17.29
C LYS B 45 34.15 20.77 -18.70
N LYS B 46 34.44 19.52 -19.01
CA LYS B 46 34.19 18.98 -20.34
C LYS B 46 33.67 17.55 -20.21
N GLY B 47 32.70 17.22 -21.05
CA GLY B 47 32.16 15.87 -21.07
C GLY B 47 31.63 15.48 -22.42
N VAL B 48 31.96 14.27 -22.88
CA VAL B 48 31.44 13.72 -24.12
C VAL B 48 30.95 12.31 -23.82
N VAL B 49 29.69 12.03 -24.13
CA VAL B 49 29.13 10.73 -23.84
C VAL B 49 28.59 10.13 -25.14
N HIS B 50 28.49 8.80 -25.17
CA HIS B 50 27.71 8.13 -26.20
C HIS B 50 26.32 7.78 -25.71
N GLY B 51 26.11 7.73 -24.41
CA GLY B 51 24.80 7.34 -23.95
C GLY B 51 24.70 5.83 -23.79
N VAL B 52 24.08 5.43 -22.69
CA VAL B 52 23.35 6.34 -21.83
C VAL B 52 24.18 6.72 -20.59
N ALA B 53 24.42 8.01 -20.41
CA ALA B 53 25.13 8.43 -19.22
C ALA B 53 24.16 8.99 -18.19
N THR B 54 24.70 9.31 -17.01
CA THR B 54 23.99 10.10 -16.01
C THR B 54 25.07 10.75 -15.14
N VAL B 55 25.36 12.01 -15.39
CA VAL B 55 26.52 12.67 -14.79
C VAL B 55 26.01 13.78 -13.91
N ALA B 56 26.61 13.95 -12.75
CA ALA B 56 26.00 14.82 -11.74
C ALA B 56 27.02 15.21 -10.68
N GLU B 57 26.54 16.01 -9.74
CA GLU B 57 27.24 16.31 -8.50
C GLU B 57 26.18 16.58 -7.42
N LYS B 58 26.52 16.23 -6.17
CA LYS B 58 25.70 16.52 -4.98
C LYS B 58 24.31 15.89 -5.08
N THR B 59 24.27 14.64 -5.52
CA THR B 59 23.05 14.07 -6.04
C THR B 59 22.50 12.94 -5.17
N LYS B 60 21.27 13.06 -4.72
CA LYS B 60 20.84 12.08 -3.72
C LYS B 60 20.53 10.71 -4.34
N GLU B 61 19.89 10.66 -5.51
CA GLU B 61 19.59 9.35 -6.09
C GLU B 61 19.94 9.36 -7.57
N GLN B 62 20.33 8.19 -8.09
CA GLN B 62 20.70 8.01 -9.49
C GLN B 62 20.31 6.63 -9.95
N VAL B 63 19.73 6.55 -11.13
CA VAL B 63 19.41 5.29 -11.78
C VAL B 63 19.78 5.41 -13.24
N THR B 64 20.48 4.42 -13.77
CA THR B 64 20.74 4.32 -15.19
C THR B 64 20.26 2.96 -15.64
N ASN B 65 19.47 2.92 -16.69
CA ASN B 65 18.92 1.65 -17.10
C ASN B 65 18.99 1.55 -18.61
N VAL B 66 19.29 0.35 -19.09
CA VAL B 66 19.07 -0.09 -20.45
C VAL B 66 18.56 -1.49 -20.30
N GLY B 67 17.31 -1.78 -20.61
CA GLY B 67 16.87 -3.15 -20.43
C GLY B 67 15.37 -3.38 -20.50
N GLY B 68 14.82 -4.07 -19.51
CA GLY B 68 15.36 -4.17 -18.16
C GLY B 68 14.57 -3.42 -17.12
N ALA B 69 14.81 -3.71 -15.85
CA ALA B 69 14.02 -3.15 -14.77
C ALA B 69 14.91 -2.73 -13.62
N VAL B 70 14.52 -1.64 -12.97
CA VAL B 70 15.19 -1.14 -11.77
C VAL B 70 14.10 -0.67 -10.82
N VAL B 71 14.11 -1.20 -9.60
CA VAL B 71 13.15 -0.82 -8.58
C VAL B 71 13.93 -0.31 -7.39
N THR B 72 13.79 0.96 -7.08
CA THR B 72 14.53 1.57 -6.00
C THR B 72 13.59 2.27 -5.02
N GLY B 73 12.32 2.32 -5.32
CA GLY B 73 11.39 3.10 -4.53
C GLY B 73 10.49 2.27 -3.66
N VAL B 74 9.92 2.95 -2.67
CA VAL B 74 9.03 2.34 -1.70
C VAL B 74 7.76 1.91 -2.41
N THR B 75 7.28 0.71 -2.13
CA THR B 75 6.16 0.15 -2.87
C THR B 75 5.39 -0.79 -1.98
N ALA B 76 4.10 -0.60 -1.86
CA ALA B 76 3.27 -1.45 -1.04
C ALA B 76 2.09 -1.91 -1.85
N VAL B 77 1.93 -3.20 -2.01
CA VAL B 77 0.77 -3.73 -2.69
C VAL B 77 0.06 -4.64 -1.73
N ALA B 78 -1.22 -4.37 -1.50
CA ALA B 78 -2.05 -5.23 -0.71
C ALA B 78 -3.19 -5.68 -1.59
N GLN B 79 -3.50 -6.95 -1.59
CA GLN B 79 -4.37 -7.47 -2.62
C GLN B 79 -5.10 -8.68 -2.09
N LYS B 80 -6.33 -8.89 -2.53
CA LYS B 80 -7.18 -9.89 -1.92
C LYS B 80 -7.60 -11.00 -2.86
N THR B 81 -7.79 -10.72 -4.15
CA THR B 81 -8.20 -11.76 -5.08
C THR B 81 -7.89 -11.31 -6.50
N VAL B 82 -7.20 -12.14 -7.26
CA VAL B 82 -6.90 -11.87 -8.66
C VAL B 82 -7.43 -13.04 -9.47
N GLU B 83 -8.22 -12.74 -10.49
CA GLU B 83 -8.79 -13.76 -11.35
C GLU B 83 -8.65 -13.28 -12.78
N GLY B 84 -9.23 -14.03 -13.71
CA GLY B 84 -9.25 -13.62 -15.10
C GLY B 84 -8.01 -14.04 -15.86
N ALA B 85 -8.15 -14.13 -17.18
CA ALA B 85 -7.12 -14.72 -18.01
C ALA B 85 -6.95 -13.90 -19.29
N GLY B 86 -6.03 -12.93 -19.27
CA GLY B 86 -5.16 -12.64 -18.15
C GLY B 86 -5.00 -11.16 -17.94
N SER B 87 -5.23 -10.74 -16.71
CA SER B 87 -5.38 -9.33 -16.38
C SER B 87 -4.18 -8.84 -15.57
N ILE B 88 -3.56 -7.76 -16.02
CA ILE B 88 -2.47 -7.16 -15.28
C ILE B 88 -3.17 -6.47 -14.11
N ALA B 89 -3.05 -7.04 -12.93
CA ALA B 89 -3.73 -6.53 -11.74
C ALA B 89 -3.17 -5.18 -11.28
N ALA B 90 -1.96 -5.20 -10.72
CA ALA B 90 -1.35 -3.97 -10.23
C ALA B 90 0.06 -3.84 -10.79
N ALA B 91 0.21 -3.02 -11.82
CA ALA B 91 1.51 -2.83 -12.44
C ALA B 91 2.03 -1.43 -12.16
N THR B 92 3.26 -1.32 -11.68
CA THR B 92 3.80 0.01 -11.43
C THR B 92 4.65 0.50 -12.58
N GLY B 93 5.74 -0.19 -12.89
CA GLY B 93 6.54 0.15 -14.04
C GLY B 93 6.57 -1.05 -14.95
N PHE B 94 6.12 -0.92 -16.17
CA PHE B 94 5.74 -2.10 -16.91
C PHE B 94 6.00 -1.83 -18.37
N VAL B 95 6.41 -2.87 -19.09
CA VAL B 95 6.72 -2.80 -20.50
C VAL B 95 6.47 -4.17 -21.10
N LYS B 96 5.57 -4.24 -22.08
CA LYS B 96 5.25 -5.50 -22.73
C LYS B 96 5.37 -5.38 -24.24
N LYS B 97 6.40 -6.02 -24.81
CA LYS B 97 6.64 -5.96 -26.24
C LYS B 97 6.66 -7.36 -26.87
N ASP B 98 5.61 -8.13 -26.62
CA ASP B 98 5.52 -9.48 -27.17
C ASP B 98 5.49 -9.44 -28.70
N GLN B 99 6.13 -10.42 -29.33
CA GLN B 99 6.17 -10.49 -30.78
C GLN B 99 5.52 -11.76 -31.29
N LYS C 45 31.63 25.77 -19.81
CA LYS C 45 31.71 24.33 -19.90
C LYS C 45 31.31 23.87 -21.29
N LYS C 46 31.58 22.60 -21.60
CA LYS C 46 31.30 22.05 -22.92
C LYS C 46 30.76 20.63 -22.75
N GLY C 47 29.77 20.28 -23.56
CA GLY C 47 29.22 18.95 -23.55
C GLY C 47 28.66 18.55 -24.89
N VAL C 48 28.98 17.32 -25.33
CA VAL C 48 28.42 16.76 -26.55
C VAL C 48 27.92 15.36 -26.23
N VAL C 49 26.65 15.09 -26.51
CA VAL C 49 26.08 13.79 -26.18
C VAL C 49 25.51 13.19 -27.46
N HIS C 50 25.40 11.87 -27.47
CA HIS C 50 24.60 11.17 -28.47
C HIS C 50 23.20 10.85 -27.94
N GLY C 51 23.03 10.83 -26.64
CA GLY C 51 21.73 10.44 -26.15
C GLY C 51 21.62 8.95 -25.96
N VAL C 52 21.02 8.56 -24.85
CA VAL C 52 20.30 9.49 -23.98
C VAL C 52 21.17 9.88 -22.77
N ALA C 53 21.44 11.17 -22.61
CA ALA C 53 22.17 11.61 -21.44
C ALA C 53 21.23 12.19 -20.40
N THR C 54 21.78 12.52 -19.24
CA THR C 54 21.11 13.34 -18.24
C THR C 54 22.20 13.99 -17.39
N VAL C 55 22.51 15.25 -17.68
CA VAL C 55 23.69 15.90 -17.12
C VAL C 55 23.20 17.03 -16.23
N ALA C 56 23.84 17.22 -15.08
CA ALA C 56 23.26 18.09 -14.08
C ALA C 56 24.29 18.50 -13.04
N GLU C 57 23.84 19.32 -12.11
CA GLU C 57 24.56 19.63 -10.89
C GLU C 57 23.54 19.92 -9.79
N LYS C 58 23.90 19.59 -8.54
CA LYS C 58 23.10 19.90 -7.34
C LYS C 58 21.71 19.28 -7.40
N THR C 59 21.65 18.03 -7.82
CA THR C 59 20.41 17.46 -8.30
C THR C 59 19.87 16.36 -7.41
N LYS C 60 18.65 16.49 -6.93
CA LYS C 60 18.23 15.52 -5.92
C LYS C 60 17.90 14.16 -6.52
N GLU C 61 17.24 14.09 -7.66
CA GLU C 61 16.92 12.78 -8.22
C GLU C 61 17.23 12.76 -9.71
N GLN C 62 17.60 11.58 -10.22
CA GLN C 62 17.94 11.37 -11.61
C GLN C 62 17.53 9.99 -12.05
N VAL C 63 16.92 9.90 -13.22
CA VAL C 63 16.57 8.63 -13.84
C VAL C 63 16.91 8.73 -15.30
N THR C 64 17.60 7.72 -15.84
CA THR C 64 17.82 7.60 -17.26
C THR C 64 17.32 6.23 -17.68
N ASN C 65 16.51 6.19 -18.72
CA ASN C 65 15.94 4.91 -19.09
C ASN C 65 15.98 4.79 -20.60
N VAL C 66 16.25 3.58 -21.06
CA VAL C 66 16.00 3.13 -22.41
C VAL C 66 15.48 1.73 -22.23
N GLY C 67 14.22 1.45 -22.51
CA GLY C 67 13.77 0.08 -22.30
C GLY C 67 12.28 -0.13 -22.33
N GLY C 68 11.74 -0.80 -21.32
CA GLY C 68 12.30 -0.89 -19.99
C GLY C 68 11.53 -0.11 -18.94
N ALA C 69 11.81 -0.38 -17.67
CA ALA C 69 11.05 0.21 -16.58
C ALA C 69 11.97 0.63 -15.46
N VAL C 70 11.61 1.74 -14.82
CA VAL C 70 12.30 2.25 -13.64
C VAL C 70 11.23 2.73 -12.67
N VAL C 71 11.26 2.22 -11.45
CA VAL C 71 10.33 2.64 -10.41
C VAL C 71 11.14 3.15 -9.25
N THR C 72 11.02 4.42 -8.95
CA THR C 72 11.78 5.04 -7.90
C THR C 72 10.87 5.76 -6.91
N GLY C 73 9.59 5.82 -7.18
CA GLY C 73 8.69 6.62 -6.38
C GLY C 73 7.79 5.82 -5.48
N VAL C 74 7.26 6.52 -4.49
CA VAL C 74 6.38 5.93 -3.49
C VAL C 74 5.09 5.50 -4.17
N THR C 75 4.62 4.31 -3.86
CA THR C 75 3.48 3.76 -4.57
C THR C 75 2.71 2.83 -3.65
N ALA C 76 1.42 3.05 -3.51
CA ALA C 76 0.61 2.20 -2.65
C ALA C 76 -0.60 1.75 -3.44
N VAL C 77 -0.77 0.45 -3.56
CA VAL C 77 -1.94 -0.08 -4.23
C VAL C 77 -2.66 -0.96 -3.23
N ALA C 78 -3.92 -0.68 -2.98
CA ALA C 78 -4.74 -1.53 -2.16
C ALA C 78 -5.90 -1.96 -3.01
N GLN C 79 -6.22 -3.24 -2.98
CA GLN C 79 -7.12 -3.76 -3.98
C GLN C 79 -7.84 -4.97 -3.42
N LYS C 80 -9.08 -5.16 -3.84
CA LYS C 80 -9.94 -6.15 -3.19
C LYS C 80 -10.39 -7.27 -4.11
N THR C 81 -10.61 -7.01 -5.39
CA THR C 81 -11.04 -8.05 -6.30
C THR C 81 -10.75 -7.64 -7.73
N VAL C 82 -10.09 -8.49 -8.49
CA VAL C 82 -9.81 -8.23 -9.90
C VAL C 82 -10.37 -9.40 -10.68
N GLU C 83 -11.18 -9.11 -11.69
CA GLU C 83 -11.78 -10.14 -12.52
C GLU C 83 -11.66 -9.69 -13.97
N GLY C 84 -12.27 -10.45 -14.88
CA GLY C 84 -12.33 -10.05 -16.26
C GLY C 84 -11.10 -10.49 -17.04
N ALA C 85 -11.27 -10.60 -18.36
CA ALA C 85 -10.25 -11.21 -19.21
C ALA C 85 -10.10 -10.43 -20.50
N GLY C 86 -9.18 -9.46 -20.53
CA GLY C 86 -8.28 -9.17 -19.42
C GLY C 86 -8.11 -7.69 -19.23
N SER C 87 -8.31 -7.23 -18.01
CA SER C 87 -8.43 -5.82 -17.69
C SER C 87 -7.22 -5.33 -16.92
N ILE C 88 -6.60 -4.27 -17.40
CA ILE C 88 -5.49 -3.66 -16.68
C ILE C 88 -6.15 -2.94 -15.52
N ALA C 89 -6.01 -3.50 -14.32
CA ALA C 89 -6.67 -2.96 -13.14
C ALA C 89 -6.08 -1.63 -12.71
N ALA C 90 -4.86 -1.63 -12.17
CA ALA C 90 -4.23 -0.41 -11.71
C ALA C 90 -2.82 -0.30 -12.30
N ALA C 91 -2.69 0.50 -13.34
CA ALA C 91 -1.41 0.68 -14.00
C ALA C 91 -0.87 2.07 -13.76
N THR C 92 0.37 2.18 -13.30
CA THR C 92 0.93 3.51 -13.08
C THR C 92 1.76 3.97 -14.26
N GLY C 93 2.84 3.26 -14.58
CA GLY C 93 3.61 3.59 -15.75
C GLY C 93 3.62 2.37 -16.64
N PHE C 94 3.13 2.48 -17.85
CA PHE C 94 2.74 1.30 -18.56
C PHE C 94 2.96 1.53 -20.03
N VAL C 95 3.35 0.48 -20.74
CA VAL C 95 3.63 0.53 -22.17
C VAL C 95 3.36 -0.85 -22.75
N LYS C 96 2.43 -0.93 -23.70
CA LYS C 96 2.08 -2.20 -24.32
C LYS C 96 2.18 -2.09 -25.84
N LYS C 97 3.19 -2.75 -26.41
CA LYS C 97 3.39 -2.72 -27.86
C LYS C 97 3.39 -4.11 -28.46
N ASP C 98 2.35 -4.89 -28.18
CA ASP C 98 2.24 -6.24 -28.71
C ASP C 98 2.17 -6.23 -30.23
N GLN C 99 2.79 -7.22 -30.86
CA GLN C 99 2.81 -7.31 -32.31
C GLN C 99 2.13 -8.58 -32.79
N LYS D 45 28.79 28.91 -22.43
CA LYS D 45 28.84 27.45 -22.50
C LYS D 45 28.40 26.98 -23.88
N LYS D 46 28.66 25.71 -24.17
CA LYS D 46 28.35 25.14 -25.47
C LYS D 46 27.80 23.73 -25.28
N GLY D 47 26.80 23.38 -26.06
CA GLY D 47 26.23 22.04 -26.01
C GLY D 47 25.64 21.61 -27.34
N VAL D 48 25.94 20.40 -27.76
CA VAL D 48 25.35 19.81 -28.97
C VAL D 48 24.84 18.43 -28.61
N VAL D 49 23.56 18.16 -28.87
CA VAL D 49 22.99 16.87 -28.51
C VAL D 49 22.39 16.26 -29.76
N HIS D 50 22.27 14.93 -29.74
CA HIS D 50 21.44 14.23 -30.72
C HIS D 50 20.06 13.93 -30.16
N GLY D 51 19.91 13.93 -28.86
CA GLY D 51 18.61 13.57 -28.33
C GLY D 51 18.49 12.08 -28.11
N VAL D 52 17.91 11.71 -26.98
CA VAL D 52 17.23 12.65 -26.11
C VAL D 52 18.12 13.07 -24.93
N ALA D 53 18.40 14.35 -24.79
CA ALA D 53 19.17 14.80 -23.65
C ALA D 53 18.24 15.40 -22.60
N THR D 54 18.84 15.75 -21.45
CA THR D 54 18.19 16.59 -20.45
C THR D 54 19.30 17.24 -19.64
N VAL D 55 19.62 18.48 -19.95
CA VAL D 55 20.81 19.14 -19.42
C VAL D 55 20.35 20.29 -18.55
N ALA D 56 21.01 20.49 -17.41
CA ALA D 56 20.46 21.38 -16.41
C ALA D 56 21.52 21.80 -15.41
N GLU D 57 21.10 22.64 -14.47
CA GLU D 57 21.85 22.96 -13.27
C GLU D 57 20.85 23.27 -12.17
N LYS D 58 21.23 22.96 -10.92
CA LYS D 58 20.47 23.30 -9.70
C LYS D 58 19.07 22.69 -9.71
N THR D 59 18.99 21.43 -10.12
CA THR D 59 17.73 20.86 -10.57
C THR D 59 17.21 19.78 -9.66
N LYS D 60 15.99 19.93 -9.14
CA LYS D 60 15.58 18.98 -8.11
C LYS D 60 15.24 17.61 -8.68
N GLU D 61 14.55 17.52 -9.81
CA GLU D 61 14.20 16.21 -10.34
C GLU D 61 14.48 16.17 -11.83
N GLN D 62 14.84 14.98 -12.32
CA GLN D 62 15.14 14.75 -13.74
C GLN D 62 14.70 13.37 -14.14
N VAL D 63 14.08 13.26 -15.30
CA VAL D 63 13.70 11.98 -15.89
C VAL D 63 14.01 12.06 -17.37
N THR D 64 14.67 11.03 -17.89
CA THR D 64 14.86 10.89 -19.32
C THR D 64 14.35 9.52 -19.71
N ASN D 65 13.51 9.47 -20.72
CA ASN D 65 12.93 8.19 -21.07
C ASN D 65 12.93 8.05 -22.58
N VAL D 66 13.19 6.84 -23.03
CA VAL D 66 12.90 6.36 -24.37
C VAL D 66 12.38 4.96 -24.15
N GLY D 67 11.10 4.70 -24.40
CA GLY D 67 10.65 3.35 -24.16
C GLY D 67 9.16 3.15 -24.16
N GLY D 68 8.63 2.50 -23.13
CA GLY D 68 9.22 2.41 -21.80
C GLY D 68 8.49 3.21 -20.75
N ALA D 69 8.78 2.96 -19.48
CA ALA D 69 8.04 3.56 -18.39
C ALA D 69 8.99 4.01 -17.29
N VAL D 70 8.65 5.13 -16.66
CA VAL D 70 9.38 5.64 -15.50
C VAL D 70 8.34 6.15 -14.52
N VAL D 71 8.38 5.66 -13.29
CA VAL D 71 7.48 6.10 -12.25
C VAL D 71 8.33 6.62 -11.10
N THR D 72 8.21 7.91 -10.82
CA THR D 72 9.01 8.54 -9.79
C THR D 72 8.13 9.28 -8.79
N GLY D 73 6.84 9.35 -9.04
CA GLY D 73 5.96 10.17 -8.24
C GLY D 73 5.08 9.38 -7.31
N VAL D 74 4.57 10.10 -6.32
CA VAL D 74 3.71 9.54 -5.29
C VAL D 74 2.40 9.11 -5.94
N THR D 75 1.92 7.92 -5.60
CA THR D 75 0.76 7.37 -6.27
C THR D 75 0.02 6.47 -5.33
N ALA D 76 -1.28 6.69 -5.16
CA ALA D 76 -2.08 5.87 -4.28
C ALA D 76 -3.31 5.42 -5.03
N VAL D 77 -3.49 4.12 -5.13
CA VAL D 77 -4.69 3.59 -5.76
C VAL D 77 -5.39 2.73 -4.73
N ALA D 78 -6.63 3.03 -4.47
CA ALA D 78 -7.45 2.20 -3.61
C ALA D 78 -8.64 1.76 -4.43
N GLN D 79 -8.96 0.49 -4.38
CA GLN D 79 -9.88 -0.04 -5.36
C GLN D 79 -10.61 -1.23 -4.75
N LYS D 80 -11.86 -1.42 -5.14
CA LYS D 80 -12.70 -2.39 -4.46
C LYS D 80 -13.19 -3.52 -5.36
N THR D 81 -13.43 -3.27 -6.64
CA THR D 81 -13.89 -4.33 -7.52
C THR D 81 -13.63 -3.93 -8.96
N VAL D 82 -12.99 -4.80 -9.73
CA VAL D 82 -12.74 -4.58 -11.14
C VAL D 82 -13.32 -5.76 -11.90
N GLU D 83 -14.16 -5.47 -12.88
CA GLU D 83 -14.78 -6.50 -13.70
C GLU D 83 -14.69 -6.08 -15.15
N GLY D 84 -15.31 -6.84 -16.02
CA GLY D 84 -15.40 -6.48 -17.43
C GLY D 84 -14.19 -6.94 -18.22
N ALA D 85 -14.40 -7.07 -19.52
CA ALA D 85 -13.40 -7.70 -20.39
C ALA D 85 -13.28 -6.92 -21.70
N GLY D 86 -12.35 -5.97 -21.75
CA GLY D 86 -11.42 -5.67 -20.68
C GLY D 86 -11.23 -4.18 -20.51
N SER D 87 -11.39 -3.71 -19.29
CA SER D 87 -11.51 -2.30 -18.99
C SER D 87 -10.27 -1.81 -18.26
N ILE D 88 -9.66 -0.76 -18.77
CA ILE D 88 -8.52 -0.16 -18.08
C ILE D 88 -9.16 0.59 -16.91
N ALA D 89 -8.99 0.06 -15.71
CA ALA D 89 -9.62 0.61 -14.52
C ALA D 89 -9.01 1.95 -14.12
N ALA D 90 -7.78 1.93 -13.61
CA ALA D 90 -7.13 3.17 -13.19
C ALA D 90 -5.74 3.26 -13.80
N ALA D 91 -5.62 4.04 -14.87
CA ALA D 91 -4.35 4.19 -15.55
C ALA D 91 -3.79 5.59 -15.34
N THR D 92 -2.55 5.69 -14.92
CA THR D 92 -1.97 7.01 -14.73
C THR D 92 -1.15 7.46 -15.92
N GLY D 93 -0.09 6.73 -16.26
CA GLY D 93 0.67 7.03 -17.45
C GLY D 93 0.63 5.80 -18.32
N PHE D 94 0.13 5.90 -19.53
CA PHE D 94 -0.30 4.71 -20.20
C PHE D 94 -0.09 4.93 -21.69
N VAL D 95 0.27 3.86 -22.39
CA VAL D 95 0.51 3.88 -23.82
C VAL D 95 0.21 2.50 -24.37
N LYS D 96 -0.73 2.41 -25.31
CA LYS D 96 -1.09 1.13 -25.90
C LYS D 96 -1.02 1.21 -27.42
N LYS D 97 -0.04 0.55 -28.00
CA LYS D 97 0.13 0.55 -29.45
C LYS D 97 0.11 -0.86 -30.04
N ASP D 98 -0.94 -1.61 -29.72
CA ASP D 98 -1.07 -2.97 -30.23
C ASP D 98 -1.17 -2.98 -31.75
N GLN D 99 -0.58 -3.99 -32.38
CA GLN D 99 -0.59 -4.10 -33.83
C GLN D 99 -1.30 -5.37 -34.27
N LYS E 45 -40.32 -14.32 14.02
CA LYS E 45 -39.18 -14.59 14.87
C LYS E 45 -39.14 -13.65 16.06
N LYS E 46 -38.31 -13.96 17.03
CA LYS E 46 -38.20 -13.17 18.25
C LYS E 46 -36.75 -13.07 18.66
N GLY E 47 -36.36 -11.89 19.13
CA GLY E 47 -35.01 -11.68 19.61
C GLY E 47 -34.94 -10.62 20.69
N VAL E 48 -34.20 -10.89 21.75
CA VAL E 48 -33.95 -9.92 22.81
C VAL E 48 -32.47 -9.91 23.09
N VAL E 49 -31.83 -8.74 23.02
CA VAL E 49 -30.40 -8.67 23.22
C VAL E 49 -30.13 -7.66 24.34
N HIS E 50 -28.98 -7.81 24.98
CA HIS E 50 -28.44 -6.77 25.84
C HIS E 50 -27.43 -5.90 25.12
N GLY E 51 -26.86 -6.40 24.04
CA GLY E 51 -25.84 -5.61 23.40
C GLY E 51 -24.47 -5.88 23.97
N VAL E 52 -23.49 -5.99 23.08
CA VAL E 52 -23.67 -5.65 21.68
C VAL E 52 -23.90 -6.91 20.82
N ALA E 53 -25.04 -6.97 20.13
CA ALA E 53 -25.26 -8.10 19.25
C ALA E 53 -25.00 -7.70 17.80
N THR E 54 -25.07 -8.69 16.92
CA THR E 54 -25.11 -8.46 15.47
C THR E 54 -25.79 -9.67 14.86
N VAL E 55 -27.07 -9.57 14.55
CA VAL E 55 -27.87 -10.72 14.18
C VAL E 55 -28.32 -10.54 12.74
N ALA E 56 -28.30 -11.61 11.96
CA ALA E 56 -28.44 -11.45 10.52
C ALA E 56 -28.80 -12.76 9.86
N GLU E 57 -28.97 -12.70 8.55
CA GLU E 57 -29.07 -13.85 7.67
C GLU E 57 -28.50 -13.47 6.32
N LYS E 58 -27.91 -14.45 5.62
CA LYS E 58 -27.41 -14.31 4.24
C LYS E 58 -26.37 -13.22 4.12
N THR E 59 -25.44 -13.18 5.06
CA THR E 59 -24.64 -12.00 5.31
C THR E 59 -23.18 -12.20 4.98
N LYS E 60 -22.63 -11.37 4.11
CA LYS E 60 -21.27 -11.68 3.66
C LYS E 60 -20.21 -11.37 4.71
N GLU E 61 -20.31 -10.26 5.42
CA GLU E 61 -19.29 -9.95 6.42
C GLU E 61 -19.94 -9.48 7.70
N GLN E 62 -19.28 -9.77 8.83
CA GLN E 62 -19.76 -9.39 10.16
C GLN E 62 -18.59 -9.09 11.05
N VAL E 63 -18.71 -8.01 11.82
CA VAL E 63 -17.73 -7.65 12.84
C VAL E 63 -18.49 -7.19 14.06
N THR E 64 -18.11 -7.70 15.22
CA THR E 64 -18.62 -7.21 16.50
C THR E 64 -17.44 -6.83 17.34
N ASN E 65 -17.45 -5.63 17.90
CA ASN E 65 -16.29 -5.20 18.64
C ASN E 65 -16.75 -4.52 19.91
N VAL E 66 -16.03 -4.75 20.99
CA VAL E 66 -16.04 -3.94 22.20
C VAL E 66 -14.59 -3.86 22.58
N GLY E 67 -13.95 -2.71 22.51
CA GLY E 67 -12.55 -2.67 22.87
C GLY E 67 -11.79 -1.43 22.50
N GLY E 68 -10.64 -1.59 21.85
CA GLY E 68 -10.30 -2.75 21.05
C GLY E 68 -10.26 -2.47 19.56
N ALA E 69 -9.67 -3.39 18.80
CA ALA E 69 -9.47 -3.16 17.37
C ALA E 69 -9.78 -4.42 16.58
N VAL E 70 -10.33 -4.23 15.39
CA VAL E 70 -10.59 -5.30 14.45
C VAL E 70 -10.23 -4.79 13.07
N VAL E 71 -9.35 -5.50 12.37
CA VAL E 71 -8.95 -5.14 11.02
C VAL E 71 -9.27 -6.33 10.12
N THR E 72 -10.19 -6.11 9.20
CA THR E 72 -10.63 -7.18 8.32
C THR E 72 -10.51 -6.76 6.86
N GLY E 73 -10.15 -5.53 6.59
CA GLY E 73 -10.17 -5.01 5.25
C GLY E 73 -8.80 -4.84 4.64
N VAL E 74 -8.81 -4.75 3.32
CA VAL E 74 -7.61 -4.60 2.53
C VAL E 74 -6.98 -3.25 2.84
N THR E 75 -5.67 -3.22 3.03
CA THR E 75 -5.02 -2.01 3.47
C THR E 75 -3.60 -1.99 2.95
N ALA E 76 -3.21 -0.92 2.29
CA ALA E 76 -1.87 -0.81 1.76
C ALA E 76 -1.29 0.52 2.19
N VAL E 77 -0.18 0.49 2.89
CA VAL E 77 0.49 1.72 3.28
C VAL E 77 1.88 1.67 2.70
N ALA E 78 2.24 2.66 1.92
CA ALA E 78 3.58 2.80 1.40
C ALA E 78 4.10 4.13 1.90
N GLN E 79 5.31 4.15 2.43
CA GLN E 79 5.73 5.31 3.16
C GLN E 79 7.24 5.41 3.08
N LYS E 80 7.75 6.64 3.09
CA LYS E 80 9.15 6.86 2.78
C LYS E 80 9.94 7.50 3.91
N THR E 81 9.32 8.36 4.72
CA THR E 81 10.04 8.99 5.82
C THR E 81 9.05 9.52 6.82
N VAL E 82 9.22 9.18 8.10
CA VAL E 82 8.39 9.69 9.16
C VAL E 82 9.30 10.33 10.20
N GLU E 83 9.01 11.58 10.55
CA GLU E 83 9.80 12.30 11.52
C GLU E 83 8.85 13.00 12.47
N GLY E 84 9.39 13.82 13.37
CA GLY E 84 8.57 14.63 14.23
C GLY E 84 8.17 13.89 15.50
N ALA E 85 7.85 14.66 16.53
CA ALA E 85 7.64 14.10 17.86
C ALA E 85 6.44 14.76 18.53
N GLY E 86 5.25 14.18 18.38
CA GLY E 86 5.06 12.92 17.67
C GLY E 86 3.81 12.95 16.83
N SER E 87 3.96 12.60 15.56
CA SER E 87 2.95 12.81 14.56
C SER E 87 2.34 11.49 14.12
N ILE E 88 1.02 11.40 14.17
CA ILE E 88 0.33 10.21 13.69
C ILE E 88 0.43 10.34 12.17
N ALA E 89 1.27 9.52 11.56
CA ALA E 89 1.51 9.59 10.13
C ALA E 89 0.31 9.12 9.31
N ALA E 90 0.04 7.83 9.32
CA ALA E 90 -1.08 7.29 8.55
C ALA E 90 -1.94 6.42 9.44
N ALA E 91 -3.05 6.96 9.91
CA ALA E 91 -3.96 6.23 10.78
C ALA E 91 -5.25 5.91 10.07
N THR E 92 -5.66 4.65 10.08
CA THR E 92 -6.92 4.32 9.42
C THR E 92 -8.08 4.27 10.41
N GLY E 93 -8.02 3.39 11.39
CA GLY E 93 -9.04 3.37 12.42
C GLY E 93 -8.34 3.57 13.73
N PHE E 94 -8.70 4.61 14.47
CA PHE E 94 -7.80 5.08 15.49
C PHE E 94 -8.64 5.65 16.60
N VAL E 95 -8.17 5.49 17.84
CA VAL E 95 -8.85 5.95 19.03
C VAL E 95 -7.79 6.22 20.09
N LYS E 96 -7.71 7.46 20.56
CA LYS E 96 -6.73 7.83 21.59
C LYS E 96 -7.41 8.51 22.75
N LYS E 97 -7.48 7.81 23.89
CA LYS E 97 -8.12 8.36 25.08
C LYS E 97 -7.16 8.40 26.27
N ASP E 98 -6.00 9.01 26.08
CA ASP E 98 -5.01 9.12 27.15
C ASP E 98 -5.56 9.93 28.32
N GLN E 99 -5.20 9.53 29.53
CA GLN E 99 -5.66 10.22 30.73
C GLN E 99 -4.50 10.80 31.52
N LYS F 45 -42.79 -10.04 13.54
CA LYS F 45 -41.61 -10.32 14.36
C LYS F 45 -41.55 -9.35 15.52
N LYS F 46 -40.69 -9.66 16.49
CA LYS F 46 -40.56 -8.86 17.70
C LYS F 46 -39.10 -8.76 18.08
N GLY F 47 -38.69 -7.58 18.52
CA GLY F 47 -37.32 -7.37 18.97
C GLY F 47 -37.22 -6.29 20.02
N VAL F 48 -36.46 -6.57 21.08
CA VAL F 48 -36.18 -5.57 22.12
C VAL F 48 -34.69 -5.58 22.36
N VAL F 49 -34.05 -4.42 22.26
CA VAL F 49 -32.61 -4.35 22.43
C VAL F 49 -32.31 -3.33 23.53
N HIS F 50 -31.14 -3.48 24.15
CA HIS F 50 -30.59 -2.42 24.98
C HIS F 50 -29.57 -1.58 24.22
N GLY F 51 -29.04 -2.10 23.14
CA GLY F 51 -28.03 -1.32 22.47
C GLY F 51 -26.64 -1.61 23.01
N VAL F 52 -25.69 -1.75 22.10
CA VAL F 52 -25.88 -1.41 20.70
C VAL F 52 -26.15 -2.68 19.86
N ALA F 53 -27.29 -2.75 19.20
CA ALA F 53 -27.55 -3.88 18.33
C ALA F 53 -27.32 -3.51 16.88
N THR F 54 -27.42 -4.51 16.01
CA THR F 54 -27.49 -4.30 14.57
C THR F 54 -28.18 -5.53 13.99
N VAL F 55 -29.47 -5.41 13.70
CA VAL F 55 -30.30 -6.56 13.37
C VAL F 55 -30.76 -6.39 11.94
N ALA F 56 -30.77 -7.48 11.17
CA ALA F 56 -30.95 -7.34 9.73
C ALA F 56 -31.34 -8.65 9.10
N GLU F 57 -31.53 -8.60 7.79
CA GLU F 57 -31.66 -9.78 6.94
C GLU F 57 -31.12 -9.42 5.56
N LYS F 58 -30.55 -10.42 4.87
CA LYS F 58 -30.08 -10.30 3.48
C LYS F 58 -29.03 -9.21 3.32
N THR F 59 -28.08 -9.18 4.24
CA THR F 59 -27.27 -8.00 4.45
C THR F 59 -25.81 -8.21 4.10
N LYS F 60 -25.27 -7.41 3.20
CA LYS F 60 -23.93 -7.74 2.73
C LYS F 60 -22.84 -7.42 3.75
N GLU F 61 -22.91 -6.29 4.44
CA GLU F 61 -21.87 -5.98 5.41
C GLU F 61 -22.49 -5.49 6.70
N GLN F 62 -21.82 -5.76 7.83
CA GLN F 62 -22.26 -5.37 9.15
C GLN F 62 -21.07 -5.05 10.03
N VAL F 63 -21.16 -3.97 10.77
CA VAL F 63 -20.15 -3.60 11.76
C VAL F 63 -20.89 -3.12 13.00
N THR F 64 -20.49 -3.61 14.16
CA THR F 64 -20.96 -3.09 15.43
C THR F 64 -19.76 -2.72 16.25
N ASN F 65 -19.76 -1.51 16.79
CA ASN F 65 -18.57 -1.09 17.50
C ASN F 65 -19.00 -0.37 18.76
N VAL F 66 -18.25 -0.59 19.82
CA VAL F 66 -18.23 0.23 21.02
C VAL F 66 -16.77 0.30 21.38
N GLY F 67 -16.13 1.46 21.28
CA GLY F 67 -14.72 1.48 21.62
C GLY F 67 -13.96 2.72 21.20
N GLY F 68 -12.83 2.53 20.53
CA GLY F 68 -12.51 1.36 19.73
C GLY F 68 -12.50 1.61 18.24
N ALA F 69 -11.93 0.68 17.48
CA ALA F 69 -11.75 0.88 16.05
C ALA F 69 -12.10 -0.38 15.29
N VAL F 70 -12.67 -0.20 14.11
CA VAL F 70 -12.96 -1.29 13.19
C VAL F 70 -12.62 -0.80 11.79
N VAL F 71 -11.77 -1.53 11.09
CA VAL F 71 -11.40 -1.20 9.72
C VAL F 71 -11.76 -2.39 8.86
N THR F 72 -12.69 -2.19 7.95
CA THR F 72 -13.15 -3.26 7.09
C THR F 72 -13.06 -2.87 5.62
N GLY F 73 -12.69 -1.64 5.33
CA GLY F 73 -12.73 -1.14 3.98
C GLY F 73 -11.38 -0.99 3.34
N VAL F 74 -11.42 -0.92 2.01
CA VAL F 74 -10.23 -0.80 1.20
C VAL F 74 -9.59 0.56 1.46
N THR F 75 -8.28 0.56 1.63
CA THR F 75 -7.60 1.78 2.05
C THR F 75 -6.19 1.78 1.50
N ALA F 76 -5.80 2.84 0.81
CA ALA F 76 -4.47 2.94 0.24
C ALA F 76 -3.88 4.26 0.65
N VAL F 77 -2.75 4.24 1.32
CA VAL F 77 -2.06 5.45 1.67
C VAL F 77 -0.68 5.38 1.06
N ALA F 78 -0.35 6.37 0.27
CA ALA F 78 1.00 6.49 -0.27
C ALA F 78 1.54 7.82 0.19
N GLN F 79 2.75 7.84 0.69
CA GLN F 79 3.20 9.00 1.39
C GLN F 79 4.71 9.10 1.28
N LYS F 80 5.22 10.31 1.25
CA LYS F 80 6.63 10.52 0.91
C LYS F 80 7.44 11.17 2.03
N THR F 81 6.86 12.05 2.83
CA THR F 81 7.60 12.68 3.90
C THR F 81 6.63 13.24 4.92
N VAL F 82 6.83 12.91 6.19
CA VAL F 82 6.03 13.45 7.28
C VAL F 82 6.97 14.10 8.27
N GLU F 83 6.70 15.35 8.62
CA GLU F 83 7.52 16.09 9.56
C GLU F 83 6.58 16.80 10.53
N GLY F 84 7.15 17.63 11.38
CA GLY F 84 6.36 18.46 12.27
C GLY F 84 5.98 17.75 13.55
N ALA F 85 5.69 18.54 14.57
CA ALA F 85 5.51 18.00 15.92
C ALA F 85 4.32 18.69 16.61
N GLY F 86 3.13 18.10 16.48
CA GLY F 86 2.90 16.84 15.80
C GLY F 86 1.64 16.86 14.99
N SER F 87 1.77 16.49 13.72
CA SER F 87 0.72 16.70 12.73
C SER F 87 0.10 15.38 12.32
N ILE F 88 -1.23 15.30 12.41
CA ILE F 88 -1.93 14.12 11.96
C ILE F 88 -1.87 14.21 10.44
N ALA F 89 -1.04 13.38 9.82
CA ALA F 89 -0.83 13.43 8.38
C ALA F 89 -2.05 12.96 7.59
N ALA F 90 -2.33 11.66 7.63
CA ALA F 90 -3.47 11.13 6.89
C ALA F 90 -4.33 10.27 7.82
N ALA F 91 -5.42 10.84 8.30
CA ALA F 91 -6.31 10.13 9.21
C ALA F 91 -7.63 9.80 8.52
N THR F 92 -8.05 8.55 8.56
CA THR F 92 -9.32 8.22 7.94
C THR F 92 -10.46 8.19 8.94
N GLY F 93 -10.40 7.33 9.93
CA GLY F 93 -11.38 7.34 10.98
C GLY F 93 -10.66 7.55 12.29
N PHE F 94 -10.99 8.60 13.01
CA PHE F 94 -10.05 9.08 14.01
C PHE F 94 -10.88 9.67 15.13
N VAL F 95 -10.37 9.52 16.36
CA VAL F 95 -11.02 10.01 17.56
C VAL F 95 -9.95 10.29 18.59
N LYS F 96 -9.84 11.53 19.05
CA LYS F 96 -8.84 11.91 20.03
C LYS F 96 -9.49 12.61 21.22
N LYS F 97 -9.54 11.93 22.36
CA LYS F 97 -10.14 12.51 23.56
C LYS F 97 -9.17 12.56 24.73
N ASP F 98 -8.00 13.15 24.50
CA ASP F 98 -6.99 13.26 25.54
C ASP F 98 -7.50 14.10 26.71
N GLN F 99 -7.13 13.71 27.92
CA GLN F 99 -7.55 14.43 29.12
C GLN F 99 -6.37 15.01 29.88
N LYS G 45 -45.22 -5.73 13.01
CA LYS G 45 -44.03 -6.00 13.81
C LYS G 45 -43.93 -5.03 14.96
N LYS G 46 -43.05 -5.33 15.91
CA LYS G 46 -42.89 -4.50 17.10
C LYS G 46 -41.42 -4.42 17.45
N GLY G 47 -40.99 -3.23 17.86
CA GLY G 47 -39.62 -3.03 18.28
C GLY G 47 -39.48 -1.94 19.31
N VAL G 48 -38.71 -2.19 20.36
CA VAL G 48 -38.40 -1.20 21.39
C VAL G 48 -36.90 -1.21 21.59
N VAL G 49 -36.25 -0.06 21.46
CA VAL G 49 -34.80 0.00 21.60
C VAL G 49 -34.47 1.03 22.67
N HIS G 50 -33.29 0.89 23.27
CA HIS G 50 -32.71 1.95 24.07
C HIS G 50 -31.71 2.76 23.28
N GLY G 51 -31.20 2.23 22.20
CA GLY G 51 -30.20 2.98 21.49
C GLY G 51 -28.81 2.70 22.01
N VAL G 52 -27.87 2.54 21.08
CA VAL G 52 -28.10 2.85 19.68
C VAL G 52 -28.39 1.57 18.87
N ALA G 53 -29.54 1.51 18.24
CA ALA G 53 -29.83 0.37 17.39
C ALA G 53 -29.62 0.71 15.93
N THR G 54 -29.74 -0.30 15.08
CA THR G 54 -29.85 -0.11 13.63
C THR G 54 -30.58 -1.34 13.08
N VAL G 55 -31.86 -1.23 12.82
CA VAL G 55 -32.71 -2.37 12.53
C VAL G 55 -33.19 -2.21 11.10
N ALA G 56 -33.23 -3.31 10.35
CA ALA G 56 -33.43 -3.19 8.92
C ALA G 56 -33.86 -4.52 8.31
N GLU G 57 -34.07 -4.49 7.00
CA GLU G 57 -34.23 -5.67 6.18
C GLU G 57 -33.71 -5.33 4.78
N LYS G 58 -33.16 -6.34 4.09
CA LYS G 58 -32.73 -6.26 2.69
C LYS G 58 -31.66 -5.18 2.49
N THR G 59 -30.70 -5.14 3.39
CA THR G 59 -29.87 -3.97 3.56
C THR G 59 -28.42 -4.19 3.19
N LYS G 60 -27.90 -3.41 2.26
CA LYS G 60 -26.57 -3.76 1.77
C LYS G 60 -25.47 -3.43 2.76
N GLU G 61 -25.51 -2.29 3.44
CA GLU G 61 -24.44 -1.98 4.38
C GLU G 61 -25.03 -1.46 5.69
N GLN G 62 -24.33 -1.73 6.79
CA GLN G 62 -24.74 -1.31 8.13
C GLN G 62 -23.54 -0.99 8.96
N VAL G 63 -23.60 0.10 9.70
CA VAL G 63 -22.57 0.49 10.66
C VAL G 63 -23.28 0.98 11.91
N THR G 64 -22.86 0.51 13.06
CA THR G 64 -23.30 1.04 14.33
C THR G 64 -22.07 1.43 15.12
N ASN G 65 -22.04 2.64 15.64
CA ASN G 65 -20.84 3.07 16.32
C ASN G 65 -21.25 3.81 17.58
N VAL G 66 -20.48 3.59 18.64
CA VAL G 66 -20.42 4.43 19.83
C VAL G 66 -18.95 4.50 20.15
N GLY G 67 -18.31 5.64 20.01
CA GLY G 67 -16.89 5.66 20.33
C GLY G 67 -16.13 6.88 19.87
N GLY G 68 -15.01 6.67 19.18
CA GLY G 68 -14.72 5.48 18.40
C GLY G 68 -14.74 5.71 16.91
N ALA G 69 -14.20 4.77 16.13
CA ALA G 69 -14.04 4.95 14.71
C ALA G 69 -14.41 3.67 13.97
N VAL G 70 -15.01 3.84 12.80
CA VAL G 70 -15.33 2.74 11.90
C VAL G 70 -15.03 3.21 10.49
N VAL G 71 -14.19 2.46 9.78
CA VAL G 71 -13.84 2.77 8.41
C VAL G 71 -14.22 1.57 7.57
N THR G 72 -15.17 1.76 6.67
CA THR G 72 -15.67 0.69 5.84
C THR G 72 -15.60 1.06 4.36
N GLY G 73 -15.23 2.28 4.04
CA GLY G 73 -15.30 2.76 2.69
C GLY G 73 -13.96 2.87 2.02
N VAL G 74 -14.02 2.93 0.69
CA VAL G 74 -12.85 3.04 -0.16
C VAL G 74 -12.18 4.39 0.09
N THR G 75 -10.88 4.39 0.22
CA THR G 75 -10.18 5.61 0.61
C THR G 75 -8.78 5.58 0.03
N ALA G 76 -8.41 6.62 -0.69
CA ALA G 76 -7.08 6.70 -1.28
C ALA G 76 -6.47 8.03 -0.91
N VAL G 77 -5.33 8.00 -0.26
CA VAL G 77 -4.62 9.22 0.06
C VAL G 77 -3.26 9.13 -0.57
N ALA G 78 -2.93 10.10 -1.40
CA ALA G 78 -1.59 10.19 -1.97
C ALA G 78 -1.03 11.52 -1.53
N GLN G 79 0.19 11.54 -1.06
CA GLN G 79 0.67 12.71 -0.38
C GLN G 79 2.17 12.80 -0.53
N LYS G 80 2.70 14.01 -0.59
CA LYS G 80 4.10 14.19 -0.95
C LYS G 80 4.93 14.85 0.13
N THR G 81 4.38 15.75 0.93
CA THR G 81 5.16 16.39 1.98
C THR G 81 4.21 16.97 3.01
N VAL G 82 4.43 16.67 4.28
CA VAL G 82 3.65 17.23 5.37
C VAL G 82 4.63 17.87 6.33
N GLU G 83 4.37 19.14 6.67
CA GLU G 83 5.21 19.88 7.58
C GLU G 83 4.31 20.62 8.55
N GLY G 84 4.90 21.44 9.39
CA GLY G 84 4.14 22.30 10.28
C GLY G 84 3.78 21.61 11.58
N ALA G 85 3.51 22.42 12.60
CA ALA G 85 3.35 21.90 13.96
C ALA G 85 2.19 22.61 14.65
N GLY G 86 0.99 22.03 14.56
CA GLY G 86 0.74 20.76 13.91
C GLY G 86 -0.54 20.79 13.11
N SER G 87 -0.44 20.40 11.86
CA SER G 87 -1.50 20.60 10.88
C SER G 87 -2.15 19.29 10.52
N ILE G 88 -3.47 19.21 10.62
CA ILE G 88 -4.19 18.02 10.21
C ILE G 88 -4.17 18.10 8.68
N ALA G 89 -3.36 17.25 8.07
CA ALA G 89 -3.17 17.28 6.62
C ALA G 89 -4.41 16.81 5.87
N ALA G 90 -4.71 15.52 5.93
CA ALA G 90 -5.86 14.98 5.23
C ALA G 90 -6.71 14.15 6.18
N ALA G 91 -7.80 14.72 6.68
CA ALA G 91 -8.66 14.04 7.61
C ALA G 91 -9.99 13.71 6.95
N THR G 92 -10.43 12.47 7.03
CA THR G 92 -11.72 12.14 6.44
C THR G 92 -12.83 12.15 7.46
N GLY G 93 -12.76 11.29 8.46
CA GLY G 93 -13.72 11.32 9.54
C GLY G 93 -12.98 11.55 10.82
N PHE G 94 -13.28 12.61 11.53
CA PHE G 94 -12.33 13.10 12.51
C PHE G 94 -13.11 13.71 13.65
N VAL G 95 -12.58 13.58 14.85
CA VAL G 95 -13.21 14.10 16.06
C VAL G 95 -12.10 14.37 17.07
N LYS G 96 -11.98 15.63 17.50
CA LYS G 96 -10.96 16.00 18.47
C LYS G 96 -11.57 16.74 19.64
N LYS G 97 -11.60 16.08 20.80
CA LYS G 97 -12.17 16.67 21.99
C LYS G 97 -11.17 16.72 23.15
N ASP G 98 -10.01 17.30 22.89
CA ASP G 98 -8.98 17.42 23.91
C ASP G 98 -9.46 18.29 25.07
N GLN G 99 -9.05 17.91 26.29
CA GLN G 99 -9.46 18.65 27.47
C GLN G 99 -8.25 19.22 28.21
N LYS H 45 39.84 16.51 -11.84
CA LYS H 45 39.96 15.06 -11.99
C LYS H 45 39.66 14.65 -13.43
N LYS H 46 40.00 13.41 -13.76
CA LYS H 46 39.81 12.91 -15.11
C LYS H 46 39.33 11.47 -15.05
N GLY H 47 38.40 11.13 -15.93
CA GLY H 47 37.89 9.78 -16.01
C GLY H 47 37.43 9.41 -17.40
N VAL H 48 37.81 8.23 -17.86
CA VAL H 48 37.36 7.69 -19.14
C VAL H 48 36.87 6.28 -18.91
N VAL H 49 35.64 5.98 -19.29
CA VAL H 49 35.09 4.65 -19.05
C VAL H 49 34.62 4.08 -20.38
N HIS H 50 34.56 2.76 -20.45
CA HIS H 50 33.85 2.09 -21.53
C HIS H 50 32.43 1.70 -21.12
N GLY H 51 32.17 1.61 -19.83
CA GLY H 51 30.85 1.18 -19.44
C GLY H 51 30.78 -0.33 -19.32
N VAL H 52 30.12 -0.78 -18.26
CA VAL H 52 29.33 0.08 -17.40
C VAL H 52 30.10 0.46 -16.12
N ALA H 53 30.31 1.74 -15.90
CA ALA H 53 30.96 2.15 -14.67
C ALA H 53 29.93 2.66 -13.67
N THR H 54 30.41 2.96 -12.46
CA THR H 54 29.65 3.71 -11.47
C THR H 54 30.66 4.35 -10.53
N VAL H 55 30.94 5.62 -10.74
CA VAL H 55 32.06 6.29 -10.08
C VAL H 55 31.48 7.37 -9.19
N ALA H 56 32.03 7.52 -7.99
CA ALA H 56 31.37 8.34 -6.99
C ALA H 56 32.32 8.73 -5.87
N GLU H 57 31.79 9.49 -4.93
CA GLU H 57 32.42 9.78 -3.66
C GLU H 57 31.32 9.98 -2.63
N LYS H 58 31.60 9.61 -1.37
CA LYS H 58 30.73 9.85 -0.20
C LYS H 58 29.36 9.20 -0.39
N THR H 59 29.37 7.96 -0.86
CA THR H 59 28.18 7.37 -1.44
C THR H 59 27.63 6.22 -0.64
N LYS H 60 26.37 6.30 -0.22
CA LYS H 60 25.91 5.28 0.71
C LYS H 60 25.68 3.93 0.04
N GLU H 61 25.08 3.88 -1.15
CA GLU H 61 24.85 2.59 -1.78
C GLU H 61 25.25 2.64 -3.24
N GLN H 62 25.68 1.50 -3.77
CA GLN H 62 26.12 1.36 -5.16
C GLN H 62 25.78 -0.01 -5.67
N VAL H 63 25.26 -0.06 -6.88
CA VAL H 63 24.98 -1.32 -7.57
C VAL H 63 25.41 -1.15 -9.02
N THR H 64 26.16 -2.11 -9.54
CA THR H 64 26.48 -2.17 -10.95
C THR H 64 26.05 -3.52 -11.45
N ASN H 65 25.31 -3.55 -12.54
CA ASN H 65 24.81 -4.82 -13.01
C ASN H 65 24.94 -4.88 -14.51
N VAL H 66 25.30 -6.06 -15.01
CA VAL H 66 25.14 -6.46 -16.39
C VAL H 66 24.67 -7.89 -16.29
N GLY H 67 23.43 -8.19 -16.67
CA GLY H 67 23.01 -9.57 -16.54
C GLY H 67 21.53 -9.83 -16.69
N GLY H 68 20.94 -10.55 -15.74
CA GLY H 68 21.43 -10.68 -14.37
C GLY H 68 20.57 -9.97 -13.34
N ALA H 69 20.78 -10.30 -12.07
CA ALA H 69 19.92 -9.78 -11.01
C ALA H 69 20.76 -9.37 -9.82
N VAL H 70 20.32 -8.30 -9.15
CA VAL H 70 20.92 -7.83 -7.92
C VAL H 70 19.79 -7.42 -7.00
N VAL H 71 19.74 -7.98 -5.80
CA VAL H 71 18.74 -7.64 -4.81
C VAL H 71 19.46 -7.15 -3.57
N THR H 72 19.27 -5.88 -3.24
CA THR H 72 19.95 -5.30 -2.11
C THR H 72 18.96 -4.65 -1.16
N GLY H 73 17.69 -4.61 -1.50
CA GLY H 73 16.72 -3.87 -0.73
C GLY H 73 15.80 -4.75 0.07
N VAL H 74 15.18 -4.11 1.06
CA VAL H 74 14.25 -4.76 1.96
C VAL H 74 13.02 -5.20 1.19
N THR H 75 12.57 -6.41 1.42
CA THR H 75 11.49 -6.97 0.62
C THR H 75 10.71 -7.95 1.45
N ALA H 76 9.40 -7.79 1.51
CA ALA H 76 8.57 -8.69 2.28
C ALA H 76 7.43 -9.15 1.40
N VAL H 77 7.30 -10.44 1.21
CA VAL H 77 6.18 -10.98 0.44
C VAL H 77 5.45 -11.92 1.35
N ALA H 78 4.16 -11.68 1.54
CA ALA H 78 3.31 -12.59 2.28
C ALA H 78 2.22 -13.03 1.33
N GLN H 79 1.95 -14.31 1.28
CA GLN H 79 1.13 -14.81 0.21
C GLN H 79 0.41 -16.06 0.67
N LYS H 80 -0.79 -16.28 0.17
CA LYS H 80 -1.65 -17.32 0.71
C LYS H 80 -2.01 -18.41 -0.28
N THR H 81 -2.15 -18.10 -1.56
CA THR H 81 -2.50 -19.12 -2.54
C THR H 81 -2.14 -18.63 -3.92
N VAL H 82 -1.39 -19.43 -4.68
CA VAL H 82 -1.04 -19.11 -6.05
C VAL H 82 -1.51 -20.26 -6.92
N GLU H 83 -2.26 -19.95 -7.96
CA GLU H 83 -2.77 -20.96 -8.88
C GLU H 83 -2.58 -20.45 -10.29
N GLY H 84 -3.09 -21.17 -11.26
CA GLY H 84 -3.08 -20.73 -12.63
C GLY H 84 -1.79 -21.10 -13.35
N ALA H 85 -1.88 -21.16 -14.67
CA ALA H 85 -0.78 -21.71 -15.47
C ALA H 85 -0.58 -20.85 -16.73
N GLY H 86 0.30 -19.85 -16.65
CA GLY H 86 1.12 -19.58 -15.48
C GLY H 86 1.24 -18.11 -15.22
N SER H 87 0.95 -17.72 -13.99
CA SER H 87 0.75 -16.33 -13.63
C SER H 87 1.90 -15.83 -12.75
N ILE H 88 2.51 -14.73 -13.15
CA ILE H 88 3.56 -14.13 -12.35
C ILE H 88 2.80 -13.48 -11.20
N ALA H 89 2.89 -14.08 -10.02
CA ALA H 89 2.14 -13.62 -8.86
C ALA H 89 2.65 -12.28 -8.33
N ALA H 90 3.84 -12.28 -7.72
CA ALA H 90 4.39 -11.05 -7.18
C ALA H 90 5.83 -10.87 -7.67
N ALA H 91 6.00 -10.03 -8.67
CA ALA H 91 7.32 -9.79 -9.23
C ALA H 91 7.80 -8.39 -8.89
N THR H 92 9.00 -8.26 -8.36
CA THR H 92 9.50 -6.93 -8.05
C THR H 92 10.39 -6.39 -9.14
N GLY H 93 11.51 -7.05 -9.42
CA GLY H 93 12.34 -6.66 -10.53
C GLY H 93 12.45 -7.83 -11.46
N PHE H 94 12.04 -7.68 -12.70
CA PHE H 94 11.72 -8.85 -13.48
C PHE H 94 12.05 -8.53 -14.93
N VAL H 95 12.50 -9.55 -15.64
CA VAL H 95 12.87 -9.44 -17.05
C VAL H 95 12.68 -10.79 -17.71
N LYS H 96 11.82 -10.86 -18.72
CA LYS H 96 11.56 -12.11 -19.41
C LYS H 96 11.74 -11.94 -20.91
N LYS H 97 12.81 -12.53 -21.45
CA LYS H 97 13.10 -12.44 -22.87
C LYS H 97 13.18 -13.80 -23.53
N ASP H 98 12.15 -14.62 -23.35
CA ASP H 98 12.12 -15.95 -23.94
C ASP H 98 12.14 -15.86 -25.46
N GLN H 99 12.83 -16.82 -26.08
CA GLN H 99 12.95 -16.85 -27.54
C GLN H 99 12.33 -18.12 -28.12
N LYS I 45 -35.32 -22.94 15.07
CA LYS I 45 -34.19 -23.22 15.95
C LYS I 45 -34.24 -22.30 17.16
N LYS I 46 -33.43 -22.63 18.17
CA LYS I 46 -33.41 -21.88 19.40
C LYS I 46 -31.97 -21.76 19.89
N GLY I 47 -31.63 -20.58 20.40
CA GLY I 47 -30.30 -20.35 20.95
C GLY I 47 -30.30 -19.32 22.05
N VAL I 48 -29.61 -19.61 23.15
CA VAL I 48 -29.43 -18.66 24.25
C VAL I 48 -27.96 -18.64 24.58
N VAL I 49 -27.35 -17.45 24.57
CA VAL I 49 -25.92 -17.35 24.84
C VAL I 49 -25.72 -16.39 25.99
N HIS I 50 -24.59 -16.52 26.68
CA HIS I 50 -24.12 -15.48 27.60
C HIS I 50 -23.10 -14.58 26.94
N GLY I 51 -22.47 -15.03 25.88
CA GLY I 51 -21.45 -14.20 25.30
C GLY I 51 -20.09 -14.47 25.92
N VAL I 52 -19.07 -14.54 25.07
CA VAL I 52 -19.20 -14.16 23.67
C VAL I 52 -19.37 -15.39 22.77
N ALA I 53 -20.46 -15.45 22.04
CA ALA I 53 -20.64 -16.56 21.11
C ALA I 53 -20.31 -16.11 19.69
N THR I 54 -20.32 -17.08 18.77
CA THR I 54 -20.32 -16.82 17.34
C THR I 54 -20.93 -18.03 16.66
N VAL I 55 -22.20 -17.94 16.29
CA VAL I 55 -22.97 -19.09 15.87
C VAL I 55 -23.34 -18.87 14.41
N ALA I 56 -23.27 -19.93 13.60
CA ALA I 56 -23.35 -19.73 12.16
C ALA I 56 -23.67 -21.03 11.46
N GLU I 57 -23.78 -20.93 10.13
CA GLU I 57 -23.81 -22.07 9.23
C GLU I 57 -23.19 -21.63 7.90
N LYS I 58 -22.54 -22.58 7.22
CA LYS I 58 -21.99 -22.39 5.86
C LYS I 58 -20.97 -21.28 5.81
N THR I 59 -20.08 -21.24 6.80
CA THR I 59 -19.32 -20.06 7.11
C THR I 59 -17.84 -20.20 6.85
N LYS I 60 -17.27 -19.34 6.02
CA LYS I 60 -15.90 -19.62 5.62
C LYS I 60 -14.89 -19.32 6.73
N GLU I 61 -15.04 -18.22 7.46
CA GLU I 61 -14.07 -17.92 8.51
C GLU I 61 -14.79 -17.51 9.78
N GLN I 62 -14.17 -17.81 10.93
CA GLN I 62 -14.72 -17.49 12.24
C GLN I 62 -13.60 -17.18 13.20
N VAL I 63 -13.77 -16.13 13.98
CA VAL I 63 -12.84 -15.77 15.05
C VAL I 63 -13.67 -15.38 16.26
N THR I 64 -13.32 -15.90 17.42
CA THR I 64 -13.89 -15.46 18.68
C THR I 64 -12.76 -15.08 19.58
N ASN I 65 -12.83 -13.90 20.17
CA ASN I 65 -11.71 -13.47 20.98
C ASN I 65 -12.24 -12.82 22.24
N VAL I 66 -11.55 -13.07 23.34
CA VAL I 66 -11.64 -12.30 24.57
C VAL I 66 -10.21 -12.20 25.03
N GLY I 67 -9.59 -11.03 25.01
CA GLY I 67 -8.22 -10.98 25.44
C GLY I 67 -7.47 -9.71 25.13
N GLY I 68 -6.29 -9.83 24.53
CA GLY I 68 -5.88 -10.96 23.71
C GLY I 68 -5.79 -10.64 22.23
N ALA I 69 -5.15 -11.52 21.47
CA ALA I 69 -4.88 -11.25 20.06
C ALA I 69 -5.13 -12.49 19.23
N VAL I 70 -5.63 -12.28 18.02
CA VAL I 70 -5.84 -13.32 17.04
C VAL I 70 -5.42 -12.77 15.69
N VAL I 71 -4.50 -13.44 15.02
CA VAL I 71 -4.05 -13.04 13.69
C VAL I 71 -4.31 -14.20 12.75
N THR I 72 -5.19 -13.99 11.79
CA THR I 72 -5.56 -15.03 10.86
C THR I 72 -5.39 -14.58 9.43
N GLY I 73 -5.04 -13.32 9.21
CA GLY I 73 -5.02 -12.76 7.88
C GLY I 73 -3.63 -12.55 7.33
N VAL I 74 -3.59 -12.43 6.02
CA VAL I 74 -2.35 -12.22 5.28
C VAL I 74 -1.77 -10.87 5.65
N THR I 75 -0.48 -10.83 5.91
CA THR I 75 0.14 -9.61 6.42
C THR I 75 1.58 -9.54 5.96
N ALA I 76 1.97 -8.44 5.34
CA ALA I 76 3.34 -8.29 4.87
C ALA I 76 3.85 -6.97 5.37
N VAL I 77 4.94 -6.99 6.11
CA VAL I 77 5.57 -5.77 6.56
C VAL I 77 6.99 -5.77 6.04
N ALA I 78 7.35 -4.75 5.31
CA ALA I 78 8.71 -4.56 4.86
C ALA I 78 9.17 -3.24 5.42
N GLN I 79 10.36 -3.21 5.99
CA GLN I 79 10.72 -2.06 6.77
C GLN I 79 12.23 -1.92 6.77
N LYS I 80 12.71 -0.68 6.82
CA LYS I 80 14.12 -0.43 6.59
C LYS I 80 14.84 0.19 7.77
N THR I 81 14.18 1.02 8.57
CA THR I 81 14.84 1.63 9.72
C THR I 81 13.79 2.11 10.69
N VAL I 82 13.92 1.74 11.95
CA VAL I 82 13.03 2.20 13.01
C VAL I 82 13.88 2.84 14.08
N GLU I 83 13.55 4.05 14.47
CA GLU I 83 14.28 4.78 15.50
C GLU I 83 13.26 5.42 16.43
N GLY I 84 13.76 6.23 17.35
CA GLY I 84 12.88 6.99 18.21
C GLY I 84 12.44 6.21 19.44
N ALA I 85 12.06 6.95 20.48
CA ALA I 85 11.81 6.34 21.79
C ALA I 85 10.56 6.97 22.41
N GLY I 86 9.40 6.35 22.19
CA GLY I 86 9.26 5.12 21.44
C GLY I 86 8.05 5.14 20.55
N SER I 87 8.27 4.84 19.28
CA SER I 87 7.28 5.05 18.24
C SER I 87 6.72 3.74 17.73
N ILE I 88 5.40 3.61 17.73
CA ILE I 88 4.77 2.42 17.18
C ILE I 88 4.92 2.60 15.68
N ALA I 89 5.81 1.82 15.08
CA ALA I 89 6.11 1.93 13.66
C ALA I 89 4.97 1.47 12.77
N ALA I 90 4.72 0.16 12.74
CA ALA I 90 3.65 -0.38 11.91
C ALA I 90 2.77 -1.29 12.74
N ALA I 91 1.62 -0.78 13.17
CA ALA I 91 0.70 -1.56 13.98
C ALA I 91 -0.56 -1.88 13.20
N THR I 92 -0.94 -3.15 13.16
CA THR I 92 -2.16 -3.49 12.44
C THR I 92 -3.35 -3.59 13.37
N GLY I 93 -3.33 -4.50 14.32
CA GLY I 93 -4.38 -4.57 15.31
C GLY I 93 -3.76 -4.39 16.66
N PHE I 94 -4.16 -3.38 17.41
CA PHE I 94 -3.32 -2.92 18.49
C PHE I 94 -4.22 -2.40 19.58
N VAL I 95 -3.79 -2.59 20.82
CA VAL I 95 -4.53 -2.17 22.01
C VAL I 95 -3.53 -1.91 23.11
N LYS I 96 -3.50 -0.68 23.61
CA LYS I 96 -2.58 -0.33 24.69
C LYS I 96 -3.32 0.30 25.85
N LYS I 97 -3.43 -0.41 26.97
CA LYS I 97 -4.12 0.09 28.14
C LYS I 97 -3.22 0.10 29.37
N ASP I 98 -2.06 0.74 29.25
CA ASP I 98 -1.12 0.84 30.36
C ASP I 98 -1.74 1.60 31.53
N GLN I 99 -1.42 1.17 32.74
CA GLN I 99 -1.95 1.83 33.94
C GLN I 99 -0.84 2.40 34.80
N LYS J 45 -37.81 -18.74 14.60
CA LYS J 45 -36.68 -19.01 15.46
C LYS J 45 -36.69 -18.09 16.66
N LYS J 46 -35.86 -18.41 17.65
CA LYS J 46 -35.81 -17.63 18.89
C LYS J 46 -34.36 -17.51 19.33
N GLY J 47 -33.99 -16.34 19.82
CA GLY J 47 -32.66 -16.12 20.33
C GLY J 47 -32.63 -15.06 21.41
N VAL J 48 -31.91 -15.35 22.50
CA VAL J 48 -31.69 -14.38 23.58
C VAL J 48 -30.21 -14.36 23.89
N VAL J 49 -29.59 -13.19 23.85
CA VAL J 49 -28.16 -13.09 24.08
C VAL J 49 -27.93 -12.10 25.22
N HIS J 50 -26.79 -12.24 25.88
CA HIS J 50 -26.30 -11.20 26.77
C HIS J 50 -25.28 -10.31 26.08
N GLY J 51 -24.68 -10.79 25.01
CA GLY J 51 -23.66 -9.97 24.40
C GLY J 51 -22.29 -10.24 24.99
N VAL J 52 -21.30 -10.33 24.12
CA VAL J 52 -21.45 -9.97 22.72
C VAL J 52 -21.64 -11.22 21.84
N ALA J 53 -22.75 -11.28 21.13
CA ALA J 53 -22.95 -12.39 20.22
C ALA J 53 -22.66 -11.98 18.80
N THR J 54 -22.70 -12.96 17.89
CA THR J 54 -22.72 -12.71 16.45
C THR J 54 -23.36 -13.93 15.81
N VAL J 55 -24.64 -13.83 15.47
CA VAL J 55 -25.41 -14.99 15.07
C VAL J 55 -25.83 -14.79 13.62
N ALA J 56 -25.78 -15.85 12.83
CA ALA J 56 -25.89 -15.67 11.39
C ALA J 56 -26.23 -16.99 10.70
N GLU J 57 -26.36 -16.90 9.39
CA GLU J 57 -26.43 -18.05 8.50
C GLU J 57 -25.85 -17.64 7.15
N LYS J 58 -25.21 -18.60 6.46
CA LYS J 58 -24.69 -18.45 5.10
C LYS J 58 -23.66 -17.32 5.01
N THR J 59 -22.75 -17.29 5.97
CA THR J 59 -21.98 -16.11 6.25
C THR J 59 -20.50 -16.28 5.96
N LYS J 60 -19.94 -15.44 5.11
CA LYS J 60 -18.58 -15.72 4.68
C LYS J 60 -17.55 -15.41 5.76
N GLU J 61 -17.67 -14.30 6.49
CA GLU J 61 -16.67 -14.00 7.51
C GLU J 61 -17.36 -13.56 8.79
N GLN J 62 -16.73 -13.85 9.92
CA GLN J 62 -17.24 -13.50 11.25
C GLN J 62 -16.09 -13.19 12.17
N VAL J 63 -16.25 -12.14 12.95
CA VAL J 63 -15.29 -11.76 13.99
C VAL J 63 -16.08 -11.34 15.20
N THR J 64 -15.72 -11.85 16.36
CA THR J 64 -16.26 -11.39 17.63
C THR J 64 -15.10 -11.01 18.51
N ASN J 65 -15.15 -9.82 19.08
CA ASN J 65 -14.01 -9.39 19.86
C ASN J 65 -14.51 -8.72 21.11
N VAL J 66 -13.80 -8.95 22.21
CA VAL J 66 -13.85 -8.16 23.43
C VAL J 66 -12.41 -8.07 23.85
N GLY J 67 -11.79 -6.90 23.81
CA GLY J 67 -10.40 -6.86 24.21
C GLY J 67 -9.65 -5.60 23.86
N GLY J 68 -8.49 -5.74 23.24
CA GLY J 68 -8.11 -6.88 22.42
C GLY J 68 -8.04 -6.59 20.94
N ALA J 69 -7.42 -7.48 20.17
CA ALA J 69 -7.18 -7.23 18.76
C ALA J 69 -7.46 -8.49 17.95
N VAL J 70 -7.98 -8.28 16.75
CA VAL J 70 -8.22 -9.34 15.79
C VAL J 70 -7.84 -8.82 14.42
N VAL J 71 -6.94 -9.51 13.73
CA VAL J 71 -6.51 -9.13 12.41
C VAL J 71 -6.80 -10.29 11.49
N THR J 72 -7.70 -10.10 10.53
CA THR J 72 -8.10 -11.14 9.64
C THR J 72 -7.95 -10.71 8.19
N GLY J 73 -7.60 -9.46 7.94
CA GLY J 73 -7.61 -8.92 6.60
C GLY J 73 -6.22 -8.74 6.02
N VAL J 74 -6.21 -8.63 4.71
CA VAL J 74 -4.99 -8.44 3.94
C VAL J 74 -4.38 -7.09 4.28
N THR J 75 -3.08 -7.05 4.51
CA THR J 75 -2.45 -5.84 4.98
C THR J 75 -1.02 -5.79 4.50
N ALA J 76 -0.63 -4.71 3.85
CA ALA J 76 0.72 -4.57 3.35
C ALA J 76 1.26 -3.24 3.81
N VAL J 77 2.37 -3.26 4.54
CA VAL J 77 3.01 -2.04 4.95
C VAL J 77 4.41 -2.06 4.40
N ALA J 78 4.77 -1.05 3.65
CA ALA J 78 6.13 -0.88 3.17
C ALA J 78 6.61 0.44 3.69
N GLN J 79 7.81 0.46 4.24
CA GLN J 79 8.20 1.63 5.01
C GLN J 79 9.71 1.76 4.96
N LYS J 80 10.20 2.98 4.98
CA LYS J 80 11.62 3.23 4.72
C LYS J 80 12.36 3.86 5.87
N THR J 81 11.71 4.71 6.68
CA THR J 81 12.41 5.33 7.80
C THR J 81 11.39 5.84 8.78
N VAL J 82 11.53 5.48 10.06
CA VAL J 82 10.66 5.97 11.12
C VAL J 82 11.56 6.61 12.17
N GLU J 83 11.23 7.83 12.54
CA GLU J 83 11.99 8.56 13.54
C GLU J 83 11.01 9.23 14.48
N GLY J 84 11.52 10.04 15.39
CA GLY J 84 10.68 10.83 16.26
C GLY J 84 10.26 10.07 17.50
N ALA J 85 9.91 10.83 18.53
CA ALA J 85 9.68 10.24 19.86
C ALA J 85 8.45 10.89 20.50
N GLY J 86 7.28 10.28 20.31
CA GLY J 86 7.11 9.04 19.59
C GLY J 86 5.88 9.06 18.71
N SER J 87 6.07 8.72 17.46
CA SER J 87 5.06 8.94 16.42
C SER J 87 4.49 7.62 15.95
N ILE J 88 3.16 7.51 15.97
CA ILE J 88 2.51 6.32 15.46
C ILE J 88 2.63 6.46 13.96
N ALA J 89 3.50 5.67 13.35
CA ALA J 89 3.78 5.76 11.93
C ALA J 89 2.60 5.29 11.07
N ALA J 90 2.35 3.99 11.06
CA ALA J 90 1.25 3.45 10.26
C ALA J 90 0.38 2.54 11.12
N ALA J 91 -0.75 3.08 11.57
CA ALA J 91 -1.65 2.32 12.42
C ALA J 91 -2.94 1.99 11.66
N THR J 92 -3.33 0.73 11.66
CA THR J 92 -4.57 0.39 10.97
C THR J 92 -5.75 0.31 11.92
N GLY J 93 -5.71 -0.58 12.89
CA GLY J 93 -6.74 -0.63 13.90
C GLY J 93 -6.08 -0.43 15.24
N PHE J 94 -6.46 0.58 15.98
CA PHE J 94 -5.59 1.05 17.03
C PHE J 94 -6.46 1.60 18.13
N VAL J 95 -6.01 1.42 19.37
CA VAL J 95 -6.72 1.88 20.55
C VAL J 95 -5.69 2.14 21.65
N LYS J 96 -5.64 3.37 22.12
CA LYS J 96 -4.70 3.74 23.17
C LYS J 96 -5.40 4.39 24.34
N LYS J 97 -5.49 3.69 25.47
CA LYS J 97 -6.15 4.21 26.65
C LYS J 97 -5.23 4.24 27.86
N ASP J 98 -4.07 4.86 27.71
CA ASP J 98 -3.11 4.98 28.79
C ASP J 98 -3.70 5.76 29.96
N GLN J 99 -3.35 5.35 31.18
CA GLN J 99 -3.85 6.02 32.37
C GLN J 99 -2.71 6.60 33.19
#